data_6QCD
#
_entry.id   6QCD
#
_cell.length_a   91.366
_cell.length_b   91.366
_cell.length_c   143.925
_cell.angle_alpha   90.00
_cell.angle_beta   90.00
_cell.angle_gamma   120.00
#
_symmetry.space_group_name_H-M   'P 63'
#
loop_
_entity.id
_entity.type
_entity.pdbx_description
1 polymer 'NAD-dependent protein deacetylase sirtuin-6'
2 non-polymer '[(2R,3S,4R,5R)-5-(6-AMINOPURIN-9-YL)-3,4-DIHYDROXY-OXOLAN-2-YL]METHYL [HYDROXY-[[(2R,3S,4R,5S)-3,4,5-TRIHYDROXYOXOLAN-2-YL]METHOXY]PHOSPHORYL] HYDROGEN PHOSPHATE'
3 non-polymer 'ZINC ION'
4 non-polymer 'SULFATE ION'
5 non-polymer "3,5,7,3',4'-PENTAHYDROXYFLAVONE"
6 non-polymer 1,2-ETHANEDIOL
7 non-polymer 'TETRAETHYLENE GLYCOL'
8 non-polymer 'TRIETHYLENE GLYCOL'
9 water water
#
_entity_poly.entity_id   1
_entity_poly.type   'polypeptide(L)'
_entity_poly.pdbx_seq_one_letter_code
;GIDPFTADKGKCGLPEIFDPPEELERKVWELARLVWQSSSVVFHTGAGISTASGIPDFRGPHGVWTMEERGLAPKFDTTF
ESARPTQTHMALVQLERVGLLRFLVSQNVDGLHVRSGFPRDKLAELHGNMFVEECAKCKTQYVRDTVVGTMGLKATGRLC
TVAKARGLRACRGELRDTILDWEDSLPDRDLALADEASRNADLSITLGTSLQIRPSGNLPLATKRRGGRLVIVNLQPTKH
DRHADLRIHGYVDEVMTRLMKHLGLEIPAWDGPRVLERALPPLPRPPTPKLEPKEESPTRIN
;
_entity_poly.pdbx_strand_id   A,B
#
loop_
_chem_comp.id
_chem_comp.type
_chem_comp.name
_chem_comp.formula
AR6 non-polymer '[(2R,3S,4R,5R)-5-(6-AMINOPURIN-9-YL)-3,4-DIHYDROXY-OXOLAN-2-YL]METHYL [HYDROXY-[[(2R,3S,4R,5S)-3,4,5-TRIHYDROXYOXOLAN-2-YL]METHOXY]PHOSPHORYL] HYDROGEN PHOSPHATE' 'C15 H23 N5 O14 P2'
EDO non-polymer 1,2-ETHANEDIOL 'C2 H6 O2'
PG4 non-polymer 'TETRAETHYLENE GLYCOL' 'C8 H18 O5'
PGE non-polymer 'TRIETHYLENE GLYCOL' 'C6 H14 O4'
QUE non-polymer 3,5,7,3',4'-PENTAHYDROXYFLAVONE 'C15 H10 O7'
SO4 non-polymer 'SULFATE ION' 'O4 S -2'
ZN non-polymer 'ZINC ION' 'Zn 2'
#
# COMPACT_ATOMS: atom_id res chain seq x y z
N PRO A 4 -2.18 -31.77 -2.90
CA PRO A 4 -1.67 -30.41 -3.23
C PRO A 4 -2.28 -29.87 -4.53
N PHE A 5 -2.18 -30.66 -5.60
CA PHE A 5 -2.80 -30.33 -6.91
C PHE A 5 -4.31 -30.43 -6.77
N THR A 6 -4.83 -31.35 -5.93
CA THR A 6 -6.30 -31.51 -5.68
C THR A 6 -6.69 -30.98 -4.29
N ALA A 7 -5.73 -30.49 -3.48
CA ALA A 7 -6.02 -29.72 -2.24
C ALA A 7 -7.24 -28.85 -2.51
N ASP A 8 -8.25 -28.93 -1.64
CA ASP A 8 -9.47 -28.09 -1.68
C ASP A 8 -9.12 -26.64 -1.27
N LYS A 9 -9.30 -25.71 -2.19
CA LYS A 9 -8.90 -24.29 -2.04
C LYS A 9 -10.13 -23.45 -1.65
N GLY A 10 -11.26 -24.11 -1.45
CA GLY A 10 -12.52 -23.60 -0.89
C GLY A 10 -13.28 -22.74 -1.87
N LYS A 11 -14.09 -21.80 -1.40
CA LYS A 11 -15.00 -20.97 -2.23
C LYS A 11 -14.21 -19.75 -2.66
N CYS A 12 -13.99 -19.59 -3.96
CA CYS A 12 -13.10 -18.56 -4.51
C CYS A 12 -13.92 -17.59 -5.34
N GLY A 13 -13.67 -16.28 -5.22
CA GLY A 13 -14.26 -15.26 -6.12
C GLY A 13 -15.74 -14.96 -5.91
N LEU A 14 -16.27 -15.18 -4.70
CA LEU A 14 -17.61 -14.69 -4.29
C LEU A 14 -17.67 -13.18 -4.47
N PRO A 15 -18.89 -12.67 -4.74
CA PRO A 15 -19.18 -11.25 -4.90
C PRO A 15 -18.84 -10.55 -3.59
N GLU A 16 -18.31 -9.38 -3.75
CA GLU A 16 -17.99 -8.44 -2.67
C GLU A 16 -19.27 -7.72 -2.27
N ILE A 17 -19.35 -7.40 -0.98
CA ILE A 17 -20.45 -6.61 -0.36
C ILE A 17 -19.86 -5.27 0.11
N PHE A 18 -20.53 -4.15 -0.17
CA PHE A 18 -20.16 -2.79 0.31
C PHE A 18 -21.30 -2.23 1.14
N ASP A 19 -21.11 -2.12 2.46
CA ASP A 19 -22.06 -1.38 3.33
C ASP A 19 -22.16 0.06 2.83
N PRO A 20 -23.36 0.63 2.62
CA PRO A 20 -23.45 2.04 2.24
C PRO A 20 -22.92 2.91 3.38
N PRO A 21 -22.47 4.16 3.12
CA PRO A 21 -21.74 4.96 4.10
C PRO A 21 -22.43 5.18 5.45
N GLU A 22 -23.74 5.41 5.50
CA GLU A 22 -24.44 5.61 6.79
C GLU A 22 -24.34 4.34 7.62
N GLU A 23 -24.48 3.19 6.97
CA GLU A 23 -24.50 1.90 7.70
C GLU A 23 -23.05 1.61 8.14
N LEU A 24 -22.08 1.85 7.27
CA LEU A 24 -20.65 1.62 7.58
C LEU A 24 -20.28 2.48 8.79
N GLU A 25 -20.71 3.75 8.82
CA GLU A 25 -20.40 4.71 9.92
C GLU A 25 -21.02 4.19 11.23
N ARG A 26 -22.25 3.69 11.20
CA ARG A 26 -22.98 3.17 12.38
C ARG A 26 -22.31 1.88 12.88
N LYS A 27 -21.91 0.98 11.98
CA LYS A 27 -21.23 -0.28 12.40
C LYS A 27 -19.85 0.03 13.04
N VAL A 28 -19.10 0.98 12.54
CA VAL A 28 -17.73 1.29 13.06
C VAL A 28 -17.90 1.97 14.43
N TRP A 29 -18.94 2.76 14.61
CA TRP A 29 -19.33 3.25 15.97
C TRP A 29 -19.68 2.10 16.90
N GLU A 30 -20.39 1.09 16.45
CA GLU A 30 -20.73 -0.07 17.31
C GLU A 30 -19.47 -0.88 17.65
N LEU A 31 -18.54 -0.98 16.69
CA LEU A 31 -17.27 -1.68 16.92
C LEU A 31 -16.48 -0.95 18.01
N ALA A 32 -16.39 0.36 17.93
CA ALA A 32 -15.78 1.20 19.00
C ALA A 32 -16.38 0.90 20.39
N ARG A 33 -17.72 0.96 20.49
CA ARG A 33 -18.52 0.58 21.69
C ARG A 33 -18.11 -0.79 22.18
N LEU A 34 -18.06 -1.78 21.28
CA LEU A 34 -17.58 -3.12 21.68
C LEU A 34 -16.15 -3.08 22.18
N VAL A 35 -15.22 -2.40 21.50
CA VAL A 35 -13.82 -2.37 21.97
C VAL A 35 -13.79 -1.72 23.39
N TRP A 36 -14.53 -0.67 23.64
CA TRP A 36 -14.50 0.10 24.91
C TRP A 36 -14.96 -0.79 26.06
N GLN A 37 -15.96 -1.63 25.78
CA GLN A 37 -16.63 -2.49 26.77
C GLN A 37 -15.88 -3.78 27.04
N SER A 38 -14.95 -4.21 26.18
CA SER A 38 -14.37 -5.57 26.30
C SER A 38 -13.18 -5.60 27.23
N SER A 39 -13.02 -6.68 27.97
CA SER A 39 -11.87 -6.94 28.87
C SER A 39 -10.70 -7.46 28.07
N SER A 40 -10.94 -8.30 27.08
CA SER A 40 -9.85 -9.03 26.38
C SER A 40 -10.21 -9.07 24.90
N VAL A 41 -9.53 -8.24 24.09
CA VAL A 41 -9.76 -8.13 22.62
C VAL A 41 -8.66 -8.89 21.85
N VAL A 42 -9.09 -9.83 21.01
CA VAL A 42 -8.21 -10.61 20.10
C VAL A 42 -8.60 -10.31 18.64
N PHE A 43 -7.58 -9.98 17.87
CA PHE A 43 -7.67 -9.77 16.40
C PHE A 43 -7.14 -11.02 15.73
N HIS A 44 -7.84 -11.36 14.65
CA HIS A 44 -7.55 -12.41 13.67
C HIS A 44 -7.43 -11.79 12.29
N THR A 45 -6.27 -11.92 11.67
CA THR A 45 -6.03 -11.35 10.33
C THR A 45 -5.76 -12.41 9.28
N GLY A 46 -6.13 -12.05 8.06
CA GLY A 46 -5.82 -12.81 6.86
C GLY A 46 -5.32 -11.90 5.77
N ALA A 47 -5.29 -12.44 4.57
CA ALA A 47 -4.61 -11.84 3.40
C ALA A 47 -5.28 -10.53 2.97
N GLY A 48 -6.53 -10.30 3.33
CA GLY A 48 -7.25 -9.05 3.04
C GLY A 48 -6.57 -7.82 3.64
N ILE A 49 -5.86 -7.93 4.75
CA ILE A 49 -5.23 -6.72 5.34
C ILE A 49 -3.97 -6.31 4.57
N SER A 50 -3.51 -7.06 3.57
CA SER A 50 -2.23 -6.82 2.88
C SER A 50 -2.44 -6.46 1.39
N THR A 51 -3.68 -6.57 0.91
CA THR A 51 -4.06 -6.25 -0.48
C THR A 51 -3.75 -4.78 -0.78
N ALA A 52 -3.92 -3.88 0.19
CA ALA A 52 -3.66 -2.45 -0.02
C ALA A 52 -2.16 -2.13 0.03
N SER A 53 -1.26 -3.07 0.30
CA SER A 53 0.22 -2.97 0.08
C SER A 53 0.67 -3.60 -1.23
N GLY A 54 -0.26 -4.11 -2.08
CA GLY A 54 0.04 -4.75 -3.36
C GLY A 54 0.17 -6.26 -3.38
N ILE A 55 -0.08 -6.95 -2.28
CA ILE A 55 0.01 -8.43 -2.21
C ILE A 55 -1.40 -8.99 -2.36
N PRO A 56 -1.66 -9.75 -3.44
CA PRO A 56 -3.01 -10.24 -3.69
C PRO A 56 -3.42 -11.24 -2.60
N ASP A 57 -4.72 -11.32 -2.33
CA ASP A 57 -5.22 -12.34 -1.37
C ASP A 57 -5.31 -13.70 -2.11
N PHE A 58 -5.97 -14.68 -1.51
CA PHE A 58 -6.17 -16.03 -2.11
C PHE A 58 -7.54 -16.17 -2.78
N ARG A 59 -8.63 -15.60 -2.23
CA ARG A 59 -9.99 -16.03 -2.60
C ARG A 59 -10.81 -14.81 -2.99
N GLY A 60 -10.23 -13.60 -2.96
CA GLY A 60 -10.85 -12.38 -3.49
C GLY A 60 -11.12 -12.46 -4.99
N PRO A 61 -11.74 -11.43 -5.62
CA PRO A 61 -11.99 -11.49 -7.08
C PRO A 61 -10.72 -11.70 -7.95
N HIS A 62 -9.59 -11.09 -7.56
CA HIS A 62 -8.27 -11.31 -8.22
C HIS A 62 -7.28 -12.07 -7.31
N GLY A 63 -7.76 -12.88 -6.40
CA GLY A 63 -6.91 -13.68 -5.51
C GLY A 63 -6.14 -14.78 -6.22
N VAL A 64 -5.10 -15.31 -5.57
CA VAL A 64 -4.18 -16.31 -6.18
C VAL A 64 -5.01 -17.51 -6.68
N TRP A 65 -5.82 -18.10 -5.79
CA TRP A 65 -6.62 -19.31 -6.11
C TRP A 65 -7.75 -18.97 -7.08
N THR A 66 -8.49 -17.85 -6.89
CA THR A 66 -9.51 -17.33 -7.83
C THR A 66 -8.95 -17.24 -9.25
N MET A 67 -7.80 -16.60 -9.44
CA MET A 67 -7.21 -16.38 -10.78
C MET A 67 -6.82 -17.73 -11.38
N GLU A 68 -6.17 -18.59 -10.62
CA GLU A 68 -5.78 -19.96 -11.04
C GLU A 68 -7.01 -20.69 -11.59
N GLU A 69 -8.16 -20.63 -10.90
CA GLU A 69 -9.44 -21.30 -11.28
C GLU A 69 -9.89 -20.84 -12.68
N ARG A 70 -9.64 -19.58 -12.96
CA ARG A 70 -10.00 -18.95 -14.23
C ARG A 70 -8.83 -19.05 -15.21
N GLY A 71 -7.79 -19.80 -14.92
CA GLY A 71 -6.63 -19.89 -15.84
C GLY A 71 -5.86 -18.58 -16.00
N LEU A 72 -5.94 -17.67 -15.02
CA LEU A 72 -5.20 -16.39 -15.08
C LEU A 72 -4.21 -16.36 -13.92
N ALA A 73 -3.47 -15.27 -13.76
CA ALA A 73 -2.35 -15.22 -12.79
C ALA A 73 -2.65 -14.14 -11.75
N PRO A 74 -2.26 -14.30 -10.47
CA PRO A 74 -2.36 -13.17 -9.57
C PRO A 74 -1.34 -12.10 -10.01
N LYS A 75 -1.50 -10.88 -9.50
CA LYS A 75 -0.60 -9.75 -9.79
C LYS A 75 -0.06 -9.26 -8.45
N PHE A 76 1.26 -9.23 -8.33
CA PHE A 76 1.97 -8.53 -7.20
C PHE A 76 2.39 -7.13 -7.62
N ASP A 77 2.02 -6.11 -6.82
CA ASP A 77 2.47 -4.70 -7.04
C ASP A 77 3.66 -4.39 -6.15
N THR A 78 4.22 -5.39 -5.50
CA THR A 78 5.39 -5.28 -4.62
C THR A 78 6.11 -6.61 -4.56
N THR A 79 7.38 -6.60 -4.16
CA THR A 79 8.01 -7.78 -3.57
C THR A 79 7.56 -7.88 -2.13
N PHE A 80 7.84 -9.02 -1.52
CA PHE A 80 7.63 -9.16 -0.07
C PHE A 80 8.57 -8.24 0.68
N GLU A 81 9.81 -8.09 0.19
CA GLU A 81 10.82 -7.28 0.88
C GLU A 81 10.49 -5.81 0.77
N SER A 82 9.87 -5.36 -0.31
CA SER A 82 9.56 -3.92 -0.45
CA SER A 82 9.54 -3.93 -0.52
C SER A 82 8.12 -3.59 -0.04
N ALA A 83 7.34 -4.55 0.42
CA ALA A 83 5.96 -4.30 0.89
C ALA A 83 6.02 -3.46 2.18
N ARG A 84 5.17 -2.45 2.28
CA ARG A 84 5.06 -1.72 3.56
C ARG A 84 3.79 -2.15 4.29
N PRO A 85 3.85 -2.16 5.63
CA PRO A 85 2.66 -2.32 6.45
C PRO A 85 1.61 -1.28 6.05
N THR A 86 0.38 -1.76 5.99
CA THR A 86 -0.81 -0.94 5.71
C THR A 86 -1.14 -0.11 6.97
N GLN A 87 -2.10 0.78 6.80
CA GLN A 87 -2.75 1.56 7.88
C GLN A 87 -3.31 0.57 8.92
N THR A 88 -3.90 -0.52 8.47
CA THR A 88 -4.47 -1.57 9.35
C THR A 88 -3.36 -2.21 10.18
N HIS A 89 -2.27 -2.61 9.53
CA HIS A 89 -1.07 -3.15 10.25
C HIS A 89 -0.64 -2.18 11.36
N MET A 90 -0.44 -0.90 11.05
CA MET A 90 0.06 0.05 12.05
C MET A 90 -0.99 0.38 13.13
N ALA A 91 -2.30 0.33 12.82
CA ALA A 91 -3.34 0.54 13.83
C ALA A 91 -3.18 -0.57 14.85
N LEU A 92 -2.96 -1.81 14.40
CA LEU A 92 -2.85 -2.99 15.30
C LEU A 92 -1.62 -2.83 16.21
N VAL A 93 -0.54 -2.26 15.69
CA VAL A 93 0.68 -1.94 16.52
C VAL A 93 0.25 -1.01 17.67
N GLN A 94 -0.44 0.07 17.36
CA GLN A 94 -0.86 1.06 18.38
C GLN A 94 -1.84 0.44 19.36
N LEU A 95 -2.78 -0.35 18.87
CA LEU A 95 -3.80 -0.96 19.75
C LEU A 95 -3.11 -1.85 20.76
N GLU A 96 -2.09 -2.55 20.34
CA GLU A 96 -1.34 -3.38 21.34
C GLU A 96 -0.63 -2.45 22.34
N ARG A 97 -0.04 -1.39 21.84
CA ARG A 97 0.85 -0.52 22.67
C ARG A 97 0.01 0.12 23.77
N VAL A 98 -1.30 0.41 23.55
CA VAL A 98 -2.10 1.12 24.59
C VAL A 98 -2.92 0.10 25.37
N GLY A 99 -2.70 -1.19 25.15
CA GLY A 99 -3.37 -2.26 25.89
C GLY A 99 -4.77 -2.59 25.41
N LEU A 100 -5.18 -2.18 24.23
CA LEU A 100 -6.55 -2.45 23.74
C LEU A 100 -6.61 -3.79 22.97
N LEU A 101 -5.47 -4.36 22.59
CA LEU A 101 -5.36 -5.68 21.91
C LEU A 101 -4.61 -6.57 22.90
N ARG A 102 -5.18 -7.72 23.23
CA ARG A 102 -4.50 -8.73 24.07
C ARG A 102 -3.61 -9.63 23.23
N PHE A 103 -4.03 -10.00 22.03
CA PHE A 103 -3.29 -10.96 21.20
C PHE A 103 -3.76 -10.84 19.75
N LEU A 104 -2.87 -11.25 18.86
CA LEU A 104 -3.03 -11.12 17.40
C LEU A 104 -2.76 -12.47 16.77
N VAL A 105 -3.76 -12.98 16.07
CA VAL A 105 -3.68 -14.32 15.40
C VAL A 105 -3.76 -14.02 13.91
N SER A 106 -2.75 -14.44 13.18
CA SER A 106 -2.66 -14.24 11.73
C SER A 106 -2.43 -15.54 10.99
N GLN A 107 -3.09 -15.59 9.84
CA GLN A 107 -2.82 -16.66 8.85
C GLN A 107 -1.79 -16.22 7.83
N ASN A 108 -1.28 -14.99 7.89
CA ASN A 108 -0.51 -14.35 6.81
C ASN A 108 0.93 -14.83 6.94
N VAL A 109 1.50 -15.24 5.80
CA VAL A 109 2.93 -15.61 5.65
C VAL A 109 3.78 -14.39 5.17
N ASP A 110 3.16 -13.25 4.91
CA ASP A 110 3.81 -12.08 4.26
C ASP A 110 4.83 -11.37 5.17
N GLY A 111 4.93 -11.72 6.46
CA GLY A 111 5.91 -11.14 7.37
C GLY A 111 5.67 -9.67 7.72
N LEU A 112 4.55 -9.08 7.35
CA LEU A 112 4.28 -7.64 7.61
C LEU A 112 3.99 -7.37 9.08
N HIS A 113 3.33 -8.23 9.84
CA HIS A 113 3.08 -7.92 11.27
C HIS A 113 4.43 -7.80 11.98
N VAL A 114 5.31 -8.81 11.86
CA VAL A 114 6.68 -8.75 12.44
C VAL A 114 7.39 -7.48 11.95
N ARG A 115 7.39 -7.24 10.65
CA ARG A 115 8.15 -6.10 10.06
C ARG A 115 7.59 -4.74 10.47
N SER A 116 6.33 -4.68 10.86
CA SER A 116 5.66 -3.46 11.38
C SER A 116 6.13 -3.16 12.80
N GLY A 117 6.80 -4.06 13.48
CA GLY A 117 7.23 -3.81 14.87
C GLY A 117 6.25 -4.36 15.87
N PHE A 118 5.31 -5.21 15.43
CA PHE A 118 4.33 -5.80 16.35
C PHE A 118 5.09 -6.82 17.20
N PRO A 119 4.88 -6.87 18.53
CA PRO A 119 5.63 -7.79 19.37
C PRO A 119 5.30 -9.28 19.17
N ARG A 120 6.35 -10.03 18.89
CA ARG A 120 6.22 -11.44 18.53
C ARG A 120 5.60 -12.24 19.69
N ASP A 121 5.78 -11.82 20.94
CA ASP A 121 5.18 -12.56 22.06
C ASP A 121 3.67 -12.29 22.18
N LYS A 122 3.07 -11.41 21.35
CA LYS A 122 1.59 -11.31 21.28
C LYS A 122 1.03 -11.70 19.89
N LEU A 123 1.79 -12.42 19.10
CA LEU A 123 1.46 -12.77 17.71
C LEU A 123 1.52 -14.29 17.56
N ALA A 124 0.46 -14.92 17.04
CA ALA A 124 0.55 -16.29 16.49
C ALA A 124 0.54 -16.24 14.96
N GLU A 125 1.59 -16.77 14.34
CA GLU A 125 1.73 -16.83 12.87
C GLU A 125 1.43 -18.26 12.45
N LEU A 126 0.16 -18.53 12.28
CA LEU A 126 -0.33 -19.92 12.22
C LEU A 126 0.19 -20.67 11.00
N HIS A 127 0.46 -20.00 9.88
CA HIS A 127 0.78 -20.63 8.57
C HIS A 127 2.27 -20.40 8.26
N GLY A 128 3.00 -19.80 9.19
CA GLY A 128 4.40 -19.43 9.05
C GLY A 128 4.65 -18.00 8.57
N ASN A 129 5.92 -17.68 8.37
CA ASN A 129 6.44 -16.34 8.00
C ASN A 129 7.53 -16.53 6.94
N MET A 130 7.40 -15.89 5.79
CA MET A 130 8.29 -16.02 4.62
CA MET A 130 8.35 -16.22 4.71
C MET A 130 9.72 -15.66 5.05
N PHE A 131 9.87 -14.81 6.08
CA PHE A 131 11.19 -14.24 6.50
C PHE A 131 11.79 -15.05 7.63
N VAL A 132 11.09 -16.07 8.12
CA VAL A 132 11.53 -16.72 9.37
C VAL A 132 12.04 -18.14 9.07
N GLU A 133 13.27 -18.45 9.48
CA GLU A 133 13.75 -19.84 9.50
C GLU A 133 13.97 -20.25 10.95
N GLU A 134 13.98 -21.56 11.17
CA GLU A 134 13.95 -22.18 12.49
C GLU A 134 14.99 -23.32 12.56
N CYS A 135 15.78 -23.40 13.64
CA CYS A 135 16.76 -24.51 13.83
C CYS A 135 15.96 -25.80 14.11
N ALA A 136 16.10 -26.77 13.22
CA ALA A 136 15.53 -28.13 13.40
C ALA A 136 16.02 -28.76 14.72
N LYS A 137 17.24 -28.45 15.20
CA LYS A 137 17.75 -28.95 16.50
C LYS A 137 17.13 -28.16 17.66
N CYS A 138 17.52 -26.90 17.88
CA CYS A 138 17.23 -26.17 19.14
C CYS A 138 15.94 -25.34 19.02
N LYS A 139 15.34 -25.21 17.84
CA LYS A 139 14.06 -24.49 17.57
C LYS A 139 14.23 -22.98 17.58
N THR A 140 15.45 -22.48 17.75
CA THR A 140 15.72 -21.03 17.64
C THR A 140 15.24 -20.56 16.26
N GLN A 141 14.58 -19.40 16.24
CA GLN A 141 14.03 -18.77 15.02
C GLN A 141 14.89 -17.56 14.66
N TYR A 142 15.13 -17.40 13.39
CA TYR A 142 15.90 -16.28 12.82
C TYR A 142 14.95 -15.44 11.97
N VAL A 143 14.77 -14.17 12.30
CA VAL A 143 13.94 -13.27 11.47
C VAL A 143 14.86 -12.56 10.48
N ARG A 144 14.86 -12.97 9.23
CA ARG A 144 15.78 -12.49 8.17
C ARG A 144 15.23 -11.22 7.52
N ASP A 145 16.07 -10.44 6.87
CA ASP A 145 15.69 -9.21 6.14
C ASP A 145 15.26 -9.52 4.72
N THR A 146 15.36 -10.78 4.27
CA THR A 146 14.90 -11.17 2.92
C THR A 146 14.14 -12.48 3.08
N VAL A 147 13.35 -12.82 2.08
CA VAL A 147 12.52 -14.05 2.19
C VAL A 147 13.45 -15.25 2.15
N VAL A 148 13.16 -16.22 3.01
CA VAL A 148 13.81 -17.56 3.15
C VAL A 148 13.34 -18.36 1.93
N GLY A 149 14.29 -18.80 1.12
CA GLY A 149 14.04 -19.14 -0.28
C GLY A 149 13.36 -20.47 -0.46
N THR A 150 12.91 -21.14 0.61
CA THR A 150 12.21 -22.45 0.53
C THR A 150 10.83 -22.35 1.18
N MET A 151 9.95 -23.32 0.88
CA MET A 151 8.61 -23.48 1.50
C MET A 151 8.42 -24.97 1.77
N GLY A 152 7.63 -25.33 2.78
CA GLY A 152 7.30 -26.71 3.16
C GLY A 152 8.18 -27.26 4.25
N LEU A 153 8.82 -26.39 5.04
CA LEU A 153 9.67 -26.76 6.19
C LEU A 153 10.90 -27.52 5.68
N LYS A 154 11.42 -27.09 4.53
CA LYS A 154 12.68 -27.61 3.92
C LYS A 154 13.95 -26.96 4.53
N ALA A 155 15.07 -27.68 4.45
CA ALA A 155 16.44 -27.15 4.68
C ALA A 155 16.66 -25.94 3.77
N THR A 156 17.03 -24.79 4.33
CA THR A 156 17.34 -23.59 3.51
C THR A 156 18.80 -23.64 3.05
N GLY A 157 19.66 -24.40 3.74
CA GLY A 157 21.10 -24.43 3.46
C GLY A 157 21.89 -23.63 4.49
N ARG A 158 21.26 -22.82 5.33
CA ARG A 158 22.02 -22.14 6.43
C ARG A 158 21.96 -22.99 7.69
N LEU A 159 22.84 -22.71 8.66
CA LEU A 159 23.06 -23.46 9.91
C LEU A 159 22.86 -22.55 11.11
N CYS A 160 22.46 -23.13 12.24
CA CYS A 160 22.23 -22.41 13.49
C CYS A 160 23.55 -21.88 14.10
N THR A 161 23.52 -20.69 14.69
CA THR A 161 24.70 -20.00 15.23
C THR A 161 24.61 -19.84 16.75
N VAL A 162 23.55 -20.29 17.42
CA VAL A 162 23.49 -20.27 18.91
C VAL A 162 24.81 -20.84 19.47
N ALA A 163 25.29 -20.27 20.60
CA ALA A 163 26.66 -20.40 21.17
C ALA A 163 27.06 -21.87 21.31
N CYS A 171 25.72 -24.80 17.92
CA CYS A 171 24.59 -25.73 17.60
C CYS A 171 24.79 -26.37 16.23
N ARG A 172 25.03 -25.55 15.21
CA ARG A 172 25.17 -25.94 13.78
C ARG A 172 23.94 -26.75 13.32
N GLY A 173 22.82 -26.66 14.04
CA GLY A 173 21.54 -27.24 13.59
C GLY A 173 21.16 -26.73 12.20
N GLU A 174 20.43 -27.56 11.47
CA GLU A 174 19.93 -27.28 10.09
C GLU A 174 18.79 -26.25 10.19
N LEU A 175 18.87 -25.15 9.44
CA LEU A 175 17.76 -24.16 9.37
C LEU A 175 16.73 -24.60 8.34
N ARG A 176 15.46 -24.51 8.70
CA ARG A 176 14.32 -24.79 7.82
C ARG A 176 13.36 -23.61 7.79
N ASP A 177 12.70 -23.45 6.65
CA ASP A 177 11.61 -22.44 6.50
C ASP A 177 10.46 -22.79 7.46
N THR A 178 9.50 -21.87 7.63
CA THR A 178 8.33 -22.10 8.52
C THR A 178 7.06 -22.11 7.65
N ILE A 179 7.17 -22.19 6.33
CA ILE A 179 5.97 -22.17 5.47
C ILE A 179 5.35 -23.58 5.44
N LEU A 180 4.21 -23.74 6.09
CA LEU A 180 3.43 -25.01 6.06
C LEU A 180 3.05 -25.31 4.61
N ASP A 181 3.25 -26.55 4.17
CA ASP A 181 2.54 -27.08 2.96
C ASP A 181 1.16 -27.60 3.39
N TRP A 182 0.34 -28.00 2.41
CA TRP A 182 -1.07 -28.47 2.57
C TRP A 182 -1.12 -29.59 3.61
N GLU A 183 -0.14 -30.49 3.61
CA GLU A 183 -0.11 -31.66 4.55
C GLU A 183 0.30 -31.27 5.97
N ASP A 184 1.07 -30.18 6.16
CA ASP A 184 1.72 -29.86 7.47
C ASP A 184 0.68 -29.36 8.46
N SER A 185 0.75 -29.78 9.71
CA SER A 185 -0.10 -29.25 10.80
C SER A 185 0.55 -27.97 11.35
N LEU A 186 -0.27 -27.14 12.01
CA LEU A 186 0.08 -25.81 12.55
C LEU A 186 1.17 -25.96 13.62
N PRO A 187 2.11 -25.01 13.74
CA PRO A 187 3.08 -25.05 14.84
C PRO A 187 2.30 -25.09 16.17
N ASP A 188 2.70 -25.98 17.08
CA ASP A 188 1.96 -26.25 18.33
C ASP A 188 1.95 -25.03 19.25
N ARG A 189 3.08 -24.35 19.37
CA ARG A 189 3.18 -23.12 20.20
C ARG A 189 2.20 -22.07 19.67
N ASP A 190 2.18 -21.81 18.39
CA ASP A 190 1.36 -20.69 17.86
C ASP A 190 -0.11 -21.03 18.07
N LEU A 191 -0.48 -22.29 17.81
CA LEU A 191 -1.92 -22.66 17.76
C LEU A 191 -2.43 -22.70 19.20
N ALA A 192 -1.60 -23.21 20.13
CA ALA A 192 -1.94 -23.30 21.55
C ALA A 192 -2.14 -21.91 22.14
N LEU A 193 -1.24 -20.96 21.85
CA LEU A 193 -1.41 -19.56 22.33
C LEU A 193 -2.64 -18.90 21.63
N ALA A 194 -2.79 -19.09 20.32
CA ALA A 194 -3.93 -18.53 19.58
C ALA A 194 -5.23 -19.10 20.20
N ASP A 195 -5.20 -20.36 20.59
CA ASP A 195 -6.44 -21.03 21.09
C ASP A 195 -6.76 -20.49 22.48
N GLU A 196 -5.77 -20.39 23.36
CA GLU A 196 -5.99 -19.85 24.72
C GLU A 196 -6.49 -18.40 24.59
N ALA A 197 -5.85 -17.57 23.77
CA ALA A 197 -6.28 -16.15 23.64
C ALA A 197 -7.75 -16.05 23.18
N SER A 198 -8.13 -16.86 22.20
CA SER A 198 -9.48 -16.80 21.57
C SER A 198 -10.55 -17.27 22.58
N ARG A 199 -10.30 -18.38 23.28
CA ARG A 199 -11.18 -18.92 24.36
C ARG A 199 -11.38 -17.89 25.47
N ASN A 200 -10.31 -17.19 25.88
CA ASN A 200 -10.38 -16.25 27.01
C ASN A 200 -10.81 -14.86 26.58
N ALA A 201 -10.86 -14.57 25.29
CA ALA A 201 -11.30 -13.26 24.80
C ALA A 201 -12.81 -13.08 25.01
N ASP A 202 -13.26 -11.87 25.25
CA ASP A 202 -14.70 -11.55 25.22
C ASP A 202 -15.01 -10.77 23.95
N LEU A 203 -13.99 -10.42 23.18
CA LEU A 203 -14.20 -9.85 21.82
C LEU A 203 -13.15 -10.39 20.84
N SER A 204 -13.59 -11.13 19.82
CA SER A 204 -12.77 -11.48 18.65
C SER A 204 -13.18 -10.62 17.46
N ILE A 205 -12.22 -10.00 16.78
CA ILE A 205 -12.45 -9.14 15.56
C ILE A 205 -11.66 -9.76 14.41
N THR A 206 -12.33 -10.17 13.32
CA THR A 206 -11.62 -10.74 12.16
C THR A 206 -11.50 -9.62 11.12
N LEU A 207 -10.35 -9.52 10.49
CA LEU A 207 -10.01 -8.52 9.45
C LEU A 207 -9.45 -9.24 8.22
N GLY A 208 -10.12 -9.11 7.06
CA GLY A 208 -9.64 -9.58 5.74
C GLY A 208 -9.28 -11.04 5.77
N THR A 209 -10.09 -11.85 6.45
CA THR A 209 -10.09 -13.32 6.28
C THR A 209 -11.48 -13.90 5.94
N SER A 210 -11.52 -14.88 5.03
CA SER A 210 -12.76 -15.54 4.59
C SER A 210 -13.07 -16.69 5.56
N LEU A 211 -12.13 -17.03 6.43
CA LEU A 211 -12.35 -17.96 7.60
C LEU A 211 -12.66 -19.40 7.12
N GLN A 212 -12.15 -19.77 5.96
CA GLN A 212 -12.43 -21.06 5.31
C GLN A 212 -11.43 -22.12 5.79
N ILE A 213 -10.28 -21.76 6.37
CA ILE A 213 -9.25 -22.76 6.75
C ILE A 213 -9.56 -23.27 8.15
N ARG A 214 -9.45 -24.57 8.33
CA ARG A 214 -9.64 -25.25 9.61
C ARG A 214 -8.26 -25.68 10.07
N PRO A 215 -7.86 -25.43 11.35
CA PRO A 215 -8.69 -24.78 12.36
C PRO A 215 -8.52 -23.25 12.54
N SER A 216 -7.58 -22.63 11.84
CA SER A 216 -7.33 -21.15 11.86
C SER A 216 -8.61 -20.32 11.82
N GLY A 217 -9.47 -20.57 10.83
CA GLY A 217 -10.77 -19.87 10.62
C GLY A 217 -11.78 -20.12 11.72
N ASN A 218 -11.59 -21.15 12.52
CA ASN A 218 -12.56 -21.53 13.56
C ASN A 218 -12.20 -20.90 14.90
N LEU A 219 -10.98 -20.41 15.08
CA LEU A 219 -10.53 -19.86 16.38
C LEU A 219 -11.43 -18.69 16.79
N PRO A 220 -11.82 -17.76 15.90
CA PRO A 220 -12.70 -16.71 16.37
C PRO A 220 -14.00 -17.25 17.00
N LEU A 221 -14.52 -18.43 16.62
CA LEU A 221 -15.78 -18.98 17.18
C LEU A 221 -15.59 -19.35 18.67
N ALA A 222 -14.40 -19.77 19.05
CA ALA A 222 -14.10 -20.11 20.45
C ALA A 222 -14.49 -18.97 21.35
N THR A 223 -14.38 -17.72 20.88
CA THR A 223 -14.70 -16.52 21.67
C THR A 223 -16.18 -16.56 22.06
N LYS A 224 -17.03 -17.10 21.19
CA LYS A 224 -18.49 -17.13 21.48
C LYS A 224 -18.81 -18.01 22.71
N ARG A 225 -17.97 -18.97 23.06
CA ARG A 225 -18.04 -19.77 24.32
C ARG A 225 -17.95 -18.80 25.51
N ARG A 226 -18.87 -18.97 26.44
CA ARG A 226 -19.03 -18.15 27.67
C ARG A 226 -19.46 -16.74 27.27
N GLY A 227 -20.06 -16.59 26.09
CA GLY A 227 -20.87 -15.41 25.75
C GLY A 227 -20.01 -14.29 25.18
N GLY A 228 -18.85 -14.62 24.60
CA GLY A 228 -17.97 -13.62 23.95
C GLY A 228 -18.62 -13.12 22.68
N ARG A 229 -18.20 -11.96 22.18
CA ARG A 229 -18.77 -11.35 20.95
C ARG A 229 -17.71 -11.52 19.81
N LEU A 230 -18.25 -11.52 18.60
CA LEU A 230 -17.52 -11.79 17.35
C LEU A 230 -17.91 -10.72 16.35
N VAL A 231 -16.90 -10.03 15.86
CA VAL A 231 -17.05 -9.04 14.77
C VAL A 231 -16.24 -9.55 13.58
N ILE A 232 -16.84 -9.52 12.42
CA ILE A 232 -16.19 -9.95 11.16
C ILE A 232 -16.15 -8.73 10.25
N VAL A 233 -14.92 -8.36 9.85
CA VAL A 233 -14.75 -7.24 8.91
C VAL A 233 -14.18 -7.85 7.62
N ASN A 234 -14.90 -7.73 6.48
CA ASN A 234 -14.48 -8.42 5.23
C ASN A 234 -15.35 -7.99 4.06
N LEU A 235 -14.76 -7.91 2.87
CA LEU A 235 -15.52 -7.49 1.63
C LEU A 235 -16.42 -8.61 1.09
N GLN A 236 -15.98 -9.85 1.20
CA GLN A 236 -16.77 -11.02 0.78
C GLN A 236 -17.48 -11.61 2.00
N PRO A 237 -18.52 -12.44 1.75
CA PRO A 237 -19.03 -13.36 2.75
C PRO A 237 -17.87 -14.20 3.30
N THR A 238 -18.05 -14.67 4.53
CA THR A 238 -17.08 -15.54 5.22
C THR A 238 -17.79 -16.78 5.66
N LYS A 239 -17.00 -17.80 5.99
CA LYS A 239 -17.54 -19.10 6.41
C LYS A 239 -18.47 -18.93 7.63
N HIS A 240 -18.21 -17.98 8.55
CA HIS A 240 -18.87 -17.89 9.88
C HIS A 240 -19.74 -16.65 10.02
N ASP A 241 -20.16 -16.05 8.92
CA ASP A 241 -21.01 -14.85 8.92
C ASP A 241 -22.18 -15.07 9.91
N ARG A 242 -22.82 -16.23 9.93
CA ARG A 242 -24.12 -16.31 10.70
C ARG A 242 -23.85 -16.22 12.22
N HIS A 243 -22.62 -16.47 12.64
CA HIS A 243 -22.22 -16.49 14.07
C HIS A 243 -21.77 -15.07 14.51
N ALA A 244 -21.60 -14.10 13.60
CA ALA A 244 -21.05 -12.78 13.94
C ALA A 244 -22.12 -11.97 14.66
N ASP A 245 -21.73 -11.23 15.69
CA ASP A 245 -22.57 -10.21 16.35
C ASP A 245 -22.64 -9.01 15.44
N LEU A 246 -21.62 -8.79 14.62
CA LEU A 246 -21.50 -7.58 13.77
C LEU A 246 -20.66 -7.97 12.56
N ARG A 247 -21.15 -7.63 11.38
CA ARG A 247 -20.50 -7.92 10.09
C ARG A 247 -20.30 -6.58 9.42
N ILE A 248 -19.07 -6.22 9.13
CA ILE A 248 -18.79 -4.93 8.49
C ILE A 248 -18.21 -5.16 7.10
N HIS A 249 -18.91 -4.70 6.06
CA HIS A 249 -18.51 -4.93 4.65
C HIS A 249 -17.92 -3.64 4.11
N GLY A 250 -16.60 -3.52 4.21
CA GLY A 250 -15.87 -2.34 3.71
C GLY A 250 -14.37 -2.58 3.81
N TYR A 251 -13.61 -1.71 3.23
CA TYR A 251 -12.15 -1.89 3.18
C TYR A 251 -11.63 -1.79 4.59
N VAL A 252 -10.75 -2.71 4.96
CA VAL A 252 -10.27 -2.78 6.35
C VAL A 252 -9.53 -1.50 6.74
N ASP A 253 -8.80 -0.85 5.82
CA ASP A 253 -8.12 0.44 6.15
C ASP A 253 -9.15 1.52 6.49
N GLU A 254 -10.25 1.65 5.74
CA GLU A 254 -11.35 2.59 6.08
C GLU A 254 -11.93 2.28 7.43
N VAL A 255 -12.16 1.01 7.72
CA VAL A 255 -12.82 0.60 8.97
C VAL A 255 -11.83 0.97 10.07
N MET A 256 -10.55 0.64 9.88
CA MET A 256 -9.62 0.81 11.01
C MET A 256 -9.29 2.28 11.24
N THR A 257 -9.12 3.11 10.21
CA THR A 257 -8.86 4.53 10.43
C THR A 257 -10.05 5.19 11.13
N ARG A 258 -11.26 4.80 10.80
CA ARG A 258 -12.47 5.32 11.50
C ARG A 258 -12.50 4.80 12.93
N LEU A 259 -12.16 3.56 13.15
CA LEU A 259 -12.16 3.04 14.54
C LEU A 259 -11.16 3.85 15.39
N MET A 260 -9.93 3.99 14.88
CA MET A 260 -8.84 4.69 15.58
C MET A 260 -9.28 6.13 15.88
N LYS A 261 -9.85 6.85 14.90
CA LYS A 261 -10.40 8.18 15.16
C LYS A 261 -11.42 8.11 16.32
N HIS A 262 -12.36 7.18 16.33
CA HIS A 262 -13.34 7.04 17.44
C HIS A 262 -12.62 6.79 18.76
N LEU A 263 -11.51 6.02 18.76
CA LEU A 263 -10.82 5.67 20.02
C LEU A 263 -9.86 6.78 20.44
N GLY A 264 -9.72 7.84 19.62
CA GLY A 264 -8.83 8.96 19.86
C GLY A 264 -7.38 8.55 19.77
N LEU A 265 -7.06 7.55 18.94
CA LEU A 265 -5.69 7.06 18.78
C LEU A 265 -5.14 7.46 17.41
N GLU A 266 -3.89 7.90 17.36
CA GLU A 266 -3.23 8.11 16.07
C GLU A 266 -2.65 6.77 15.60
N ILE A 267 -2.48 6.67 14.30
CA ILE A 267 -1.80 5.50 13.67
C ILE A 267 -0.33 5.86 13.53
N PRO A 268 0.54 5.11 14.22
CA PRO A 268 1.95 5.47 14.30
C PRO A 268 2.72 5.29 12.97
N ALA A 269 3.83 6.02 12.88
CA ALA A 269 4.77 6.02 11.74
C ALA A 269 5.41 4.65 11.65
N TRP A 270 5.61 4.14 10.45
CA TRP A 270 6.49 2.96 10.23
C TRP A 270 7.91 3.43 9.95
N ASP A 271 8.82 3.01 10.81
CA ASP A 271 10.27 3.36 10.82
C ASP A 271 11.02 2.57 9.76
N GLY A 272 10.37 1.70 8.96
CA GLY A 272 11.02 0.63 8.18
C GLY A 272 11.01 -0.70 8.92
N PRO A 273 11.56 -1.78 8.34
CA PRO A 273 11.48 -3.11 8.97
C PRO A 273 12.22 -3.20 10.32
N ARG A 274 11.52 -3.63 11.35
CA ARG A 274 12.02 -3.67 12.74
C ARG A 274 11.38 -4.85 13.40
N VAL A 275 12.14 -5.58 14.18
CA VAL A 275 11.66 -6.81 14.85
C VAL A 275 11.60 -6.50 16.33
N LEU A 276 10.47 -6.73 16.96
CA LEU A 276 10.33 -6.57 18.43
C LEU A 276 9.98 -7.93 19.02
N GLU A 277 10.86 -8.53 19.77
CA GLU A 277 10.61 -9.91 20.32
C GLU A 277 9.54 -9.86 21.39
N ARG A 278 9.59 -8.81 22.24
CA ARG A 278 8.78 -8.78 23.47
C ARG A 278 8.03 -7.46 23.62
N ALA A 279 6.75 -7.54 23.93
CA ALA A 279 5.90 -6.34 24.01
C ALA A 279 6.49 -5.43 25.10
N LEU A 280 6.43 -4.13 24.83
CA LEU A 280 6.85 -3.08 25.78
C LEU A 280 5.76 -2.82 26.80
N PRO A 281 6.11 -2.07 27.86
CA PRO A 281 5.12 -1.66 28.85
C PRO A 281 4.06 -0.78 28.17
N PRO A 282 2.78 -0.95 28.53
CA PRO A 282 1.69 -0.20 27.93
C PRO A 282 1.75 1.31 28.10
N LEU A 283 1.39 1.93 27.00
CA LEU A 283 1.33 3.40 26.97
C LEU A 283 -0.02 3.88 27.49
N PRO A 284 -0.10 5.17 27.86
CA PRO A 284 -1.39 5.76 28.19
C PRO A 284 -2.40 5.66 27.05
N ARG A 285 -3.68 5.58 27.42
CA ARG A 285 -4.77 5.69 26.41
C ARG A 285 -5.89 6.61 26.87
N PRO A 286 -6.70 7.12 25.89
CA PRO A 286 -7.76 8.06 26.21
C PRO A 286 -8.71 7.43 27.20
N PRO A 287 -9.33 8.28 28.03
CA PRO A 287 -10.41 7.78 28.87
C PRO A 287 -11.60 7.33 28.01
N THR A 288 -12.41 6.47 28.59
CA THR A 288 -13.52 5.74 27.95
C THR A 288 -14.77 6.60 27.92
N PRO A 289 -15.61 6.54 26.87
CA PRO A 289 -16.89 7.24 26.93
C PRO A 289 -17.85 6.54 27.89
N LYS A 290 -18.86 7.27 28.37
CA LYS A 290 -19.94 6.63 29.13
C LYS A 290 -20.74 5.84 28.10
N LEU A 291 -20.94 4.56 28.32
CA LEU A 291 -21.80 3.76 27.41
C LEU A 291 -23.02 3.27 28.20
N GLU A 292 -24.21 3.74 27.87
CA GLU A 292 -25.46 3.37 28.58
C GLU A 292 -25.82 1.92 28.25
N LYS B 9 -7.06 3.18 -26.75
CA LYS B 9 -6.62 2.84 -25.34
C LYS B 9 -5.13 2.47 -25.25
N GLY B 10 -4.40 2.35 -26.38
CA GLY B 10 -2.94 2.13 -26.44
C GLY B 10 -2.63 0.64 -26.35
N LYS B 11 -1.35 0.26 -26.25
CA LYS B 11 -0.95 -1.16 -26.06
C LYS B 11 -1.14 -1.54 -24.59
N CYS B 12 -2.01 -2.52 -24.33
CA CYS B 12 -2.36 -2.95 -22.95
C CYS B 12 -1.86 -4.36 -22.72
N GLY B 13 -1.43 -4.64 -21.48
CA GLY B 13 -1.09 -5.98 -20.98
C GLY B 13 0.22 -6.52 -21.53
N LEU B 14 1.13 -5.66 -22.02
CA LEU B 14 2.48 -6.11 -22.41
C LEU B 14 3.11 -6.85 -21.24
N PRO B 15 4.00 -7.82 -21.53
CA PRO B 15 4.74 -8.53 -20.50
C PRO B 15 5.66 -7.64 -19.66
N GLU B 16 5.75 -7.97 -18.36
CA GLU B 16 6.66 -7.29 -17.42
C GLU B 16 8.11 -7.75 -17.61
N ILE B 17 9.03 -6.83 -17.37
CA ILE B 17 10.49 -7.09 -17.43
C ILE B 17 11.00 -6.84 -16.01
N PHE B 18 11.81 -7.76 -15.51
CA PHE B 18 12.47 -7.61 -14.20
C PHE B 18 13.99 -7.70 -14.39
N ASP B 19 14.72 -6.62 -14.08
CA ASP B 19 16.20 -6.64 -14.04
C ASP B 19 16.58 -7.58 -12.90
N PRO B 20 17.55 -8.50 -13.14
CA PRO B 20 18.11 -9.33 -12.07
C PRO B 20 18.71 -8.39 -11.04
N PRO B 21 18.85 -8.85 -9.78
CA PRO B 21 19.20 -7.99 -8.65
C PRO B 21 20.54 -7.26 -8.78
N GLU B 22 21.55 -7.92 -9.33
CA GLU B 22 22.90 -7.28 -9.45
C GLU B 22 22.75 -6.13 -10.43
N GLU B 23 22.02 -6.37 -11.52
CA GLU B 23 21.79 -5.37 -12.58
C GLU B 23 20.97 -4.22 -11.97
N LEU B 24 19.92 -4.54 -11.20
CA LEU B 24 19.03 -3.53 -10.58
C LEU B 24 19.86 -2.65 -9.65
N GLU B 25 20.76 -3.28 -8.91
CA GLU B 25 21.62 -2.56 -7.93
C GLU B 25 22.54 -1.60 -8.71
N ARG B 26 23.23 -2.10 -9.73
CA ARG B 26 24.10 -1.27 -10.60
C ARG B 26 23.32 -0.08 -11.16
N LYS B 27 22.15 -0.34 -11.74
CA LYS B 27 21.32 0.72 -12.38
C LYS B 27 20.90 1.80 -11.37
N VAL B 28 20.56 1.41 -10.16
CA VAL B 28 20.08 2.40 -9.16
C VAL B 28 21.29 3.23 -8.71
N TRP B 29 22.50 2.64 -8.63
CA TRP B 29 23.76 3.40 -8.37
C TRP B 29 23.97 4.40 -9.51
N GLU B 30 23.69 4.04 -10.75
CA GLU B 30 23.90 4.96 -11.88
C GLU B 30 22.85 6.07 -11.80
N LEU B 31 21.61 5.72 -11.40
CA LEU B 31 20.56 6.75 -11.18
C LEU B 31 21.05 7.72 -10.08
N ALA B 32 21.60 7.26 -8.97
CA ALA B 32 22.15 8.18 -7.93
C ALA B 32 23.23 9.09 -8.54
N ARG B 33 24.12 8.54 -9.33
CA ARG B 33 25.19 9.32 -10.04
C ARG B 33 24.54 10.46 -10.83
N LEU B 34 23.48 10.16 -11.62
CA LEU B 34 22.82 11.17 -12.47
C LEU B 34 22.15 12.26 -11.62
N VAL B 35 21.45 11.89 -10.55
CA VAL B 35 20.81 12.85 -9.63
C VAL B 35 21.89 13.80 -9.06
N TRP B 36 22.97 13.24 -8.52
CA TRP B 36 24.11 14.00 -7.94
C TRP B 36 24.72 14.99 -8.98
N GLN B 37 24.83 14.57 -10.23
CA GLN B 37 25.48 15.37 -11.29
C GLN B 37 24.54 16.36 -11.96
N SER B 38 23.23 16.29 -11.73
CA SER B 38 22.27 17.15 -12.46
C SER B 38 22.01 18.46 -11.71
N SER B 39 21.72 19.53 -12.46
CA SER B 39 21.32 20.86 -11.94
C SER B 39 19.81 20.93 -11.75
N SER B 40 19.05 20.25 -12.61
CA SER B 40 17.59 20.42 -12.67
C SER B 40 16.92 19.07 -12.97
N VAL B 41 16.37 18.43 -11.92
CA VAL B 41 15.79 17.06 -12.01
C VAL B 41 14.26 17.20 -12.02
N VAL B 42 13.60 16.67 -13.05
CA VAL B 42 12.12 16.64 -13.16
C VAL B 42 11.73 15.17 -13.15
N PHE B 43 10.77 14.86 -12.30
CA PHE B 43 10.09 13.56 -12.21
C PHE B 43 8.74 13.64 -12.92
N HIS B 44 8.47 12.58 -13.69
CA HIS B 44 7.21 12.32 -14.41
C HIS B 44 6.61 11.03 -13.85
N THR B 45 5.43 11.13 -13.27
CA THR B 45 4.78 9.95 -12.65
C THR B 45 3.47 9.65 -13.39
N GLY B 46 3.16 8.37 -13.39
CA GLY B 46 1.94 7.76 -13.89
C GLY B 46 1.43 6.74 -12.90
N ALA B 47 0.45 5.98 -13.32
CA ALA B 47 -0.42 5.19 -12.41
C ALA B 47 0.37 4.08 -11.72
N GLY B 48 1.52 3.71 -12.31
CA GLY B 48 2.42 2.67 -11.76
C GLY B 48 2.84 2.99 -10.32
N ILE B 49 2.97 4.26 -9.97
CA ILE B 49 3.46 4.66 -8.62
C ILE B 49 2.37 4.50 -7.56
N SER B 50 1.13 4.18 -7.92
CA SER B 50 0.02 4.01 -6.96
C SER B 50 -0.50 2.57 -6.90
N THR B 51 0.04 1.67 -7.72
CA THR B 51 -0.42 0.26 -7.66
C THR B 51 -0.13 -0.34 -6.26
N ALA B 52 1.03 -0.04 -5.66
CA ALA B 52 1.39 -0.54 -4.31
C ALA B 52 0.53 0.11 -3.18
N SER B 53 -0.42 1.01 -3.44
CA SER B 53 -1.42 1.45 -2.46
C SER B 53 -2.81 0.83 -2.76
N GLY B 54 -2.92 -0.13 -3.73
CA GLY B 54 -4.16 -0.83 -4.07
C GLY B 54 -4.94 -0.15 -5.19
N ILE B 55 -4.41 0.88 -5.87
CA ILE B 55 -5.11 1.53 -7.02
C ILE B 55 -4.56 0.95 -8.30
N PRO B 56 -5.39 0.29 -9.15
CA PRO B 56 -4.82 -0.34 -10.32
C PRO B 56 -4.39 0.68 -11.36
N ASP B 57 -3.43 0.31 -12.19
CA ASP B 57 -2.98 1.18 -13.30
C ASP B 57 -3.96 0.99 -14.49
N PHE B 58 -3.59 1.44 -15.67
CA PHE B 58 -4.47 1.43 -16.88
C PHE B 58 -4.04 0.28 -17.80
N ARG B 59 -2.74 0.05 -17.98
CA ARG B 59 -2.21 -0.83 -19.05
C ARG B 59 -1.31 -1.95 -18.54
N GLY B 60 -1.11 -2.11 -17.22
CA GLY B 60 -0.36 -3.27 -16.74
C GLY B 60 -1.20 -4.54 -16.85
N PRO B 61 -0.64 -5.69 -16.46
CA PRO B 61 -1.35 -6.98 -16.62
C PRO B 61 -2.78 -6.96 -16.09
N HIS B 62 -3.07 -6.27 -14.96
CA HIS B 62 -4.42 -6.17 -14.33
C HIS B 62 -4.88 -4.71 -14.39
N GLY B 63 -4.34 -3.94 -15.32
CA GLY B 63 -4.76 -2.53 -15.55
C GLY B 63 -6.22 -2.37 -15.92
N VAL B 64 -6.80 -1.19 -15.69
CA VAL B 64 -8.22 -0.90 -16.02
C VAL B 64 -8.51 -1.32 -17.46
N TRP B 65 -7.80 -0.72 -18.43
CA TRP B 65 -8.07 -0.95 -19.88
C TRP B 65 -7.78 -2.42 -20.22
N THR B 66 -6.59 -2.93 -19.85
CA THR B 66 -6.20 -4.36 -19.97
C THR B 66 -7.33 -5.31 -19.52
N MET B 67 -7.89 -5.08 -18.34
CA MET B 67 -9.02 -5.90 -17.80
C MET B 67 -10.29 -5.67 -18.61
N GLU B 68 -10.64 -4.43 -18.96
CA GLU B 68 -11.92 -4.13 -19.67
C GLU B 68 -11.88 -4.75 -21.08
N GLU B 69 -10.75 -4.62 -21.78
CA GLU B 69 -10.41 -5.35 -23.03
C GLU B 69 -10.68 -6.85 -22.94
N ARG B 70 -10.48 -7.47 -21.77
CA ARG B 70 -10.63 -8.94 -21.55
C ARG B 70 -11.96 -9.25 -20.84
N GLY B 71 -12.91 -8.31 -20.80
CA GLY B 71 -14.19 -8.53 -20.10
C GLY B 71 -14.00 -8.88 -18.62
N LEU B 72 -13.00 -8.32 -17.95
CA LEU B 72 -12.78 -8.43 -16.47
C LEU B 72 -12.95 -7.04 -15.88
N ALA B 73 -13.04 -6.88 -14.55
CA ALA B 73 -13.07 -5.52 -13.93
C ALA B 73 -11.73 -5.29 -13.26
N PRO B 74 -11.27 -4.03 -13.21
CA PRO B 74 -10.09 -3.69 -12.43
C PRO B 74 -10.53 -3.81 -10.97
N LYS B 75 -9.57 -4.16 -10.13
CA LYS B 75 -9.84 -4.38 -8.69
C LYS B 75 -9.20 -3.23 -7.93
N PHE B 76 -9.97 -2.55 -7.09
CA PHE B 76 -9.46 -1.56 -6.12
C PHE B 76 -9.28 -2.26 -4.77
N ASP B 77 -8.11 -2.13 -4.11
CA ASP B 77 -7.90 -2.66 -2.73
C ASP B 77 -8.07 -1.54 -1.70
N THR B 78 -8.53 -0.37 -2.14
CA THR B 78 -8.73 0.85 -1.33
C THR B 78 -9.82 1.70 -2.01
N THR B 79 -10.38 2.65 -1.30
CA THR B 79 -11.04 3.81 -1.95
C THR B 79 -9.97 4.86 -2.25
N PHE B 80 -10.35 5.86 -3.01
CA PHE B 80 -9.48 7.01 -3.25
C PHE B 80 -9.20 7.71 -1.92
N GLU B 81 -10.23 7.82 -1.11
CA GLU B 81 -10.15 8.56 0.17
C GLU B 81 -9.27 7.81 1.20
N SER B 82 -9.22 6.49 1.20
CA SER B 82 -8.49 5.69 2.22
CA SER B 82 -8.49 5.67 2.21
C SER B 82 -7.08 5.30 1.72
N ALA B 83 -6.76 5.58 0.45
CA ALA B 83 -5.46 5.25 -0.17
C ALA B 83 -4.39 6.01 0.62
N ARG B 84 -3.26 5.39 0.89
CA ARG B 84 -2.14 6.15 1.51
C ARG B 84 -1.10 6.33 0.43
N PRO B 85 -0.38 7.44 0.44
CA PRO B 85 0.79 7.57 -0.42
C PRO B 85 1.76 6.43 -0.17
N THR B 86 2.40 6.01 -1.27
CA THR B 86 3.40 4.95 -1.29
C THR B 86 4.72 5.52 -0.80
N GLN B 87 5.66 4.60 -0.63
CA GLN B 87 7.09 4.93 -0.35
C GLN B 87 7.62 5.85 -1.44
N THR B 88 7.26 5.57 -2.70
CA THR B 88 7.63 6.45 -3.85
C THR B 88 7.04 7.86 -3.68
N HIS B 89 5.76 8.01 -3.37
CA HIS B 89 5.13 9.34 -3.14
C HIS B 89 5.95 10.11 -2.10
N MET B 90 6.27 9.44 -1.02
CA MET B 90 6.90 10.12 0.13
C MET B 90 8.37 10.41 -0.19
N ALA B 91 9.09 9.59 -0.97
CA ALA B 91 10.49 9.86 -1.38
C ALA B 91 10.48 11.15 -2.21
N LEU B 92 9.46 11.34 -3.06
CA LEU B 92 9.37 12.56 -3.95
C LEU B 92 9.19 13.78 -3.05
N VAL B 93 8.36 13.69 -2.00
CA VAL B 93 8.17 14.80 -0.99
C VAL B 93 9.57 15.20 -0.46
N GLN B 94 10.34 14.24 0.00
CA GLN B 94 11.67 14.49 0.61
C GLN B 94 12.66 15.07 -0.41
N LEU B 95 12.65 14.53 -1.65
CA LEU B 95 13.58 14.98 -2.71
C LEU B 95 13.27 16.46 -3.02
N GLU B 96 11.99 16.82 -2.96
CA GLU B 96 11.61 18.25 -3.19
C GLU B 96 12.10 19.08 -2.00
N ARG B 97 11.89 18.61 -0.77
CA ARG B 97 12.25 19.40 0.42
C ARG B 97 13.75 19.67 0.50
N VAL B 98 14.62 18.83 -0.06
CA VAL B 98 16.08 19.04 0.10
C VAL B 98 16.65 19.64 -1.21
N GLY B 99 15.81 19.99 -2.17
CA GLY B 99 16.25 20.67 -3.40
C GLY B 99 16.75 19.76 -4.51
N LEU B 100 16.53 18.46 -4.45
CA LEU B 100 17.04 17.53 -5.48
C LEU B 100 16.01 17.26 -6.58
N LEU B 101 14.77 17.65 -6.36
CA LEU B 101 13.64 17.66 -7.31
C LEU B 101 13.31 19.12 -7.63
N ARG B 102 13.35 19.49 -8.91
CA ARG B 102 12.96 20.86 -9.37
C ARG B 102 11.46 20.92 -9.60
N PHE B 103 10.87 19.87 -10.14
CA PHE B 103 9.46 19.89 -10.57
C PHE B 103 8.97 18.46 -10.78
N LEU B 104 7.66 18.34 -10.66
CA LEU B 104 6.95 17.03 -10.65
C LEU B 104 5.81 17.15 -11.63
N VAL B 105 5.84 16.28 -12.65
CA VAL B 105 4.78 16.18 -13.70
C VAL B 105 4.03 14.87 -13.57
N SER B 106 2.74 14.94 -13.26
CA SER B 106 1.95 13.72 -13.07
C SER B 106 0.76 13.64 -14.00
N GLN B 107 0.56 12.41 -14.47
CA GLN B 107 -0.64 12.00 -15.24
C GLN B 107 -1.74 11.50 -14.29
N ASN B 108 -1.47 11.41 -12.97
CA ASN B 108 -2.36 10.69 -12.04
C ASN B 108 -3.49 11.60 -11.52
N VAL B 109 -4.72 11.10 -11.55
CA VAL B 109 -5.94 11.80 -11.05
C VAL B 109 -6.25 11.34 -9.60
N ASP B 110 -5.42 10.50 -8.98
CA ASP B 110 -5.74 9.78 -7.71
C ASP B 110 -5.60 10.70 -6.46
N GLY B 111 -5.10 11.92 -6.62
CA GLY B 111 -5.00 12.94 -5.56
C GLY B 111 -3.86 12.70 -4.59
N LEU B 112 -3.03 11.67 -4.75
CA LEU B 112 -2.05 11.26 -3.71
C LEU B 112 -0.86 12.21 -3.63
N HIS B 113 -0.32 12.75 -4.73
CA HIS B 113 0.79 13.73 -4.65
C HIS B 113 0.36 14.86 -3.72
N VAL B 114 -0.81 15.46 -3.96
CA VAL B 114 -1.33 16.61 -3.14
C VAL B 114 -1.53 16.15 -1.70
N ARG B 115 -2.17 14.97 -1.52
CA ARG B 115 -2.45 14.48 -0.16
C ARG B 115 -1.20 14.07 0.60
N SER B 116 -0.09 13.77 -0.06
CA SER B 116 1.24 13.43 0.53
C SER B 116 1.89 14.68 1.15
N GLY B 117 1.37 15.89 0.87
CA GLY B 117 1.94 17.17 1.29
C GLY B 117 2.91 17.72 0.26
N PHE B 118 2.91 17.21 -0.97
CA PHE B 118 3.84 17.69 -2.00
C PHE B 118 3.34 19.09 -2.42
N PRO B 119 4.23 20.09 -2.53
CA PRO B 119 3.79 21.45 -2.81
C PRO B 119 3.20 21.62 -4.21
N ARG B 120 2.06 22.29 -4.25
CA ARG B 120 1.25 22.40 -5.49
C ARG B 120 1.94 23.31 -6.51
N ASP B 121 2.72 24.29 -6.07
CA ASP B 121 3.45 25.18 -7.02
C ASP B 121 4.62 24.43 -7.66
N LYS B 122 4.92 23.19 -7.24
CA LYS B 122 5.99 22.40 -7.90
C LYS B 122 5.42 21.15 -8.62
N LEU B 123 4.11 21.08 -8.80
CA LEU B 123 3.39 19.90 -9.30
C LEU B 123 2.54 20.30 -10.51
N ALA B 124 2.68 19.60 -11.63
CA ALA B 124 1.69 19.68 -12.74
C ALA B 124 0.78 18.44 -12.70
N GLU B 125 -0.52 18.65 -12.55
CA GLU B 125 -1.52 17.55 -12.60
C GLU B 125 -2.19 17.60 -13.97
N LEU B 126 -1.54 16.97 -14.95
CA LEU B 126 -1.93 17.10 -16.38
C LEU B 126 -3.34 16.56 -16.66
N HIS B 127 -3.85 15.54 -15.93
CA HIS B 127 -5.14 14.85 -16.26
C HIS B 127 -6.23 15.24 -15.25
N GLY B 128 -5.83 16.08 -14.28
CA GLY B 128 -6.69 16.59 -13.22
C GLY B 128 -6.48 15.80 -11.91
N ASN B 129 -7.38 16.04 -10.95
CA ASN B 129 -7.28 15.56 -9.55
C ASN B 129 -8.71 15.27 -9.14
N MET B 130 -9.02 14.03 -8.77
CA MET B 130 -10.41 13.65 -8.40
CA MET B 130 -10.45 13.76 -8.50
C MET B 130 -10.89 14.43 -7.18
N PHE B 131 -9.98 15.00 -6.39
CA PHE B 131 -10.37 15.76 -5.16
C PHE B 131 -10.49 17.25 -5.43
N VAL B 132 -10.17 17.71 -6.63
CA VAL B 132 -10.07 19.17 -6.92
C VAL B 132 -11.24 19.59 -7.83
N GLU B 133 -12.00 20.57 -7.38
CA GLU B 133 -12.98 21.26 -8.24
C GLU B 133 -12.54 22.73 -8.39
N GLU B 134 -12.99 23.36 -9.47
CA GLU B 134 -12.46 24.67 -9.96
C GLU B 134 -13.64 25.58 -10.34
N CYS B 135 -13.66 26.80 -9.84
CA CYS B 135 -14.70 27.80 -10.18
C CYS B 135 -14.60 28.16 -11.68
N ALA B 136 -15.61 27.75 -12.46
CA ALA B 136 -15.81 28.18 -13.86
C ALA B 136 -15.61 29.69 -13.99
N LYS B 137 -16.12 30.49 -13.04
CA LYS B 137 -15.99 31.97 -13.08
C LYS B 137 -14.56 32.40 -12.76
N CYS B 138 -14.16 32.42 -11.49
CA CYS B 138 -12.89 33.05 -11.06
C CYS B 138 -11.72 32.05 -11.14
N LYS B 139 -11.97 30.76 -11.42
CA LYS B 139 -10.93 29.69 -11.54
C LYS B 139 -10.21 29.39 -10.20
N THR B 140 -10.77 29.79 -9.06
CA THR B 140 -10.27 29.34 -7.72
C THR B 140 -10.46 27.82 -7.61
N GLN B 141 -9.43 27.15 -7.09
CA GLN B 141 -9.41 25.67 -6.90
C GLN B 141 -9.66 25.33 -5.44
N TYR B 142 -10.42 24.26 -5.25
CA TYR B 142 -10.82 23.78 -3.91
C TYR B 142 -10.30 22.36 -3.82
N VAL B 143 -9.35 22.12 -2.94
CA VAL B 143 -8.87 20.73 -2.69
C VAL B 143 -9.77 20.15 -1.59
N ARG B 144 -10.61 19.18 -1.95
CA ARG B 144 -11.62 18.58 -1.06
C ARG B 144 -11.03 17.34 -0.39
N ASP B 145 -11.62 16.95 0.72
CA ASP B 145 -11.25 15.77 1.52
C ASP B 145 -11.92 14.50 0.98
N THR B 146 -12.89 14.62 0.07
CA THR B 146 -13.52 13.47 -0.60
C THR B 146 -13.45 13.74 -2.11
N VAL B 147 -13.55 12.68 -2.92
CA VAL B 147 -13.54 12.82 -4.41
C VAL B 147 -14.76 13.65 -4.82
N VAL B 148 -14.55 14.56 -5.74
CA VAL B 148 -15.63 15.32 -6.40
C VAL B 148 -16.34 14.32 -7.32
N GLY B 149 -17.66 14.31 -7.24
CA GLY B 149 -18.50 13.21 -7.75
C GLY B 149 -18.65 13.18 -9.26
N THR B 150 -18.07 14.12 -10.01
CA THR B 150 -18.26 14.20 -11.47
C THR B 150 -16.91 14.05 -12.17
N MET B 151 -16.96 13.70 -13.44
CA MET B 151 -15.80 13.68 -14.36
C MET B 151 -16.23 14.35 -15.66
N GLY B 152 -15.29 14.95 -16.37
CA GLY B 152 -15.53 15.55 -17.70
C GLY B 152 -15.75 17.03 -17.61
N LEU B 153 -15.27 17.67 -16.54
CA LEU B 153 -15.28 19.14 -16.35
C LEU B 153 -16.74 19.63 -16.20
N LYS B 154 -17.56 18.86 -15.48
CA LYS B 154 -19.01 19.15 -15.27
C LYS B 154 -19.26 19.84 -13.93
N ALA B 155 -20.30 20.68 -13.88
CA ALA B 155 -20.83 21.31 -12.64
C ALA B 155 -21.01 20.22 -11.57
N THR B 156 -20.45 20.45 -10.37
CA THR B 156 -20.50 19.45 -9.27
C THR B 156 -21.73 19.74 -8.40
N GLY B 157 -22.37 20.89 -8.59
CA GLY B 157 -23.55 21.32 -7.82
C GLY B 157 -23.14 22.36 -6.80
N ARG B 158 -21.84 22.61 -6.61
CA ARG B 158 -21.34 23.51 -5.54
C ARG B 158 -21.00 24.86 -6.15
N LEU B 159 -20.94 25.89 -5.28
CA LEU B 159 -20.75 27.32 -5.63
C LEU B 159 -19.46 27.85 -4.99
N CYS B 160 -18.70 28.62 -5.76
CA CYS B 160 -17.49 29.32 -5.29
C CYS B 160 -17.80 30.20 -4.07
N THR B 161 -16.92 30.27 -3.09
CA THR B 161 -17.15 31.02 -1.83
C THR B 161 -16.16 32.18 -1.71
N VAL B 162 -15.45 32.55 -2.77
CA VAL B 162 -14.33 33.55 -2.75
C VAL B 162 -14.86 34.95 -2.33
N ALA B 163 -14.06 35.70 -1.55
CA ALA B 163 -14.29 37.09 -1.08
C ALA B 163 -15.63 37.20 -0.36
N CYS B 171 -18.76 35.35 -5.12
CA CYS B 171 -18.54 34.96 -6.54
C CYS B 171 -19.67 34.06 -7.02
N ARG B 172 -20.14 33.14 -6.17
CA ARG B 172 -21.20 32.14 -6.47
C ARG B 172 -21.02 31.53 -7.86
N GLY B 173 -19.79 31.50 -8.40
CA GLY B 173 -19.47 30.73 -9.61
C GLY B 173 -19.75 29.24 -9.45
N GLU B 174 -20.21 28.59 -10.53
CA GLU B 174 -20.39 27.13 -10.66
C GLU B 174 -19.03 26.44 -10.44
N LEU B 175 -18.96 25.44 -9.56
CA LEU B 175 -17.72 24.63 -9.42
C LEU B 175 -17.84 23.44 -10.36
N ARG B 176 -16.72 23.08 -10.99
CA ARG B 176 -16.64 21.96 -11.94
C ARG B 176 -15.52 21.02 -11.50
N ASP B 177 -15.63 19.74 -11.86
CA ASP B 177 -14.51 18.80 -11.64
C ASP B 177 -13.35 19.19 -12.56
N THR B 178 -12.16 18.65 -12.29
CA THR B 178 -10.96 18.89 -13.13
C THR B 178 -10.56 17.62 -13.89
N ILE B 179 -11.40 16.58 -13.90
CA ILE B 179 -11.07 15.33 -14.64
C ILE B 179 -11.38 15.53 -16.14
N LEU B 180 -10.33 15.58 -16.94
CA LEU B 180 -10.40 15.59 -18.43
C LEU B 180 -11.09 14.31 -18.89
N ASP B 181 -12.04 14.47 -19.81
CA ASP B 181 -12.54 13.36 -20.66
C ASP B 181 -11.66 13.25 -21.91
N TRP B 182 -11.86 12.20 -22.72
CA TRP B 182 -11.05 11.84 -23.92
C TRP B 182 -10.83 13.06 -24.83
N GLU B 183 -11.88 13.84 -25.09
CA GLU B 183 -11.84 14.94 -26.09
C GLU B 183 -11.16 16.19 -25.52
N ASP B 184 -11.02 16.33 -24.18
CA ASP B 184 -10.63 17.62 -23.53
C ASP B 184 -9.11 17.86 -23.67
N SER B 185 -8.74 19.12 -23.90
CA SER B 185 -7.38 19.68 -23.87
C SER B 185 -6.85 19.59 -22.44
N LEU B 186 -5.55 19.48 -22.30
CA LEU B 186 -4.84 19.58 -21.01
C LEU B 186 -5.00 21.00 -20.46
N PRO B 187 -5.11 21.19 -19.12
CA PRO B 187 -5.13 22.53 -18.55
C PRO B 187 -3.88 23.28 -19.05
N ASP B 188 -4.08 24.49 -19.61
CA ASP B 188 -2.99 25.31 -20.19
C ASP B 188 -1.89 25.56 -19.16
N ARG B 189 -2.26 25.88 -17.93
CA ARG B 189 -1.27 26.34 -16.93
C ARG B 189 -0.32 25.17 -16.60
N ASP B 190 -0.90 24.02 -16.27
CA ASP B 190 -0.13 22.82 -15.84
C ASP B 190 0.75 22.37 -16.98
N LEU B 191 0.21 22.36 -18.20
CA LEU B 191 0.95 21.88 -19.40
C LEU B 191 2.15 22.79 -19.67
N ALA B 192 1.98 24.10 -19.55
CA ALA B 192 3.03 25.10 -19.83
C ALA B 192 4.10 24.99 -18.74
N LEU B 193 3.71 24.84 -17.47
CA LEU B 193 4.74 24.65 -16.40
C LEU B 193 5.51 23.33 -16.63
N ALA B 194 4.82 22.25 -16.96
CA ALA B 194 5.39 20.90 -17.19
C ALA B 194 6.37 20.98 -18.38
N ASP B 195 5.92 21.65 -19.45
CA ASP B 195 6.74 21.83 -20.68
C ASP B 195 7.99 22.63 -20.34
N GLU B 196 7.86 23.77 -19.66
CA GLU B 196 9.05 24.61 -19.39
C GLU B 196 10.02 23.83 -18.49
N ALA B 197 9.48 23.17 -17.47
CA ALA B 197 10.26 22.35 -16.53
C ALA B 197 11.02 21.28 -17.33
N SER B 198 10.32 20.56 -18.19
CA SER B 198 10.88 19.41 -18.93
C SER B 198 12.01 19.92 -19.85
N ARG B 199 11.84 21.12 -20.44
CA ARG B 199 12.76 21.66 -21.48
C ARG B 199 14.03 22.15 -20.77
N ASN B 200 13.87 22.69 -19.56
CA ASN B 200 14.95 23.33 -18.77
C ASN B 200 15.66 22.30 -17.91
N ALA B 201 15.13 21.09 -17.79
CA ALA B 201 15.75 20.00 -17.02
C ALA B 201 17.00 19.48 -17.71
N ASP B 202 18.01 19.04 -16.95
CA ASP B 202 19.15 18.25 -17.46
C ASP B 202 18.98 16.78 -17.07
N LEU B 203 17.96 16.42 -16.27
CA LEU B 203 17.58 15.01 -15.99
C LEU B 203 16.08 14.90 -15.82
N SER B 204 15.48 14.05 -16.64
CA SER B 204 14.07 13.63 -16.52
C SER B 204 14.03 12.18 -16.11
N ILE B 205 13.27 11.90 -15.05
CA ILE B 205 13.13 10.53 -14.47
C ILE B 205 11.63 10.23 -14.57
N THR B 206 11.28 9.18 -15.30
CA THR B 206 9.89 8.67 -15.42
C THR B 206 9.69 7.47 -14.46
N LEU B 207 8.57 7.49 -13.76
CA LEU B 207 8.20 6.46 -12.76
C LEU B 207 6.79 5.94 -13.05
N GLY B 208 6.66 4.65 -13.33
CA GLY B 208 5.37 3.95 -13.48
C GLY B 208 4.45 4.64 -14.48
N THR B 209 4.97 5.00 -15.65
CA THR B 209 4.19 5.44 -16.82
C THR B 209 4.72 4.72 -18.07
N SER B 210 3.81 4.27 -18.91
CA SER B 210 4.06 3.62 -20.22
C SER B 210 4.37 4.71 -21.26
N LEU B 211 4.07 5.98 -20.97
CA LEU B 211 4.42 7.15 -21.83
C LEU B 211 3.64 7.08 -23.18
N GLN B 212 2.44 6.52 -23.16
CA GLN B 212 1.64 6.27 -24.38
C GLN B 212 0.74 7.47 -24.68
N ILE B 213 0.51 8.36 -23.73
CA ILE B 213 -0.41 9.50 -23.93
C ILE B 213 0.40 10.66 -24.47
N ARG B 214 -0.11 11.34 -25.50
CA ARG B 214 0.51 12.59 -25.98
C ARG B 214 -0.42 13.70 -25.56
N PRO B 215 0.13 14.84 -25.13
CA PRO B 215 1.57 15.10 -25.11
C PRO B 215 2.29 14.70 -23.82
N SER B 216 1.53 14.28 -22.80
CA SER B 216 2.06 13.99 -21.44
C SER B 216 3.28 13.05 -21.51
N GLY B 217 3.14 11.96 -22.26
CA GLY B 217 4.14 10.90 -22.43
C GLY B 217 5.36 11.39 -23.19
N ASN B 218 5.22 12.50 -23.93
CA ASN B 218 6.32 13.12 -24.72
C ASN B 218 7.12 14.17 -23.93
N LEU B 219 6.59 14.74 -22.85
CA LEU B 219 7.32 15.80 -22.07
C LEU B 219 8.72 15.33 -21.67
N PRO B 220 8.93 14.06 -21.27
CA PRO B 220 10.27 13.63 -20.90
C PRO B 220 11.27 13.71 -22.05
N LEU B 221 10.83 13.54 -23.30
CA LEU B 221 11.70 13.60 -24.51
C LEU B 221 12.22 15.04 -24.69
N ALA B 222 11.38 16.01 -24.32
CA ALA B 222 11.72 17.45 -24.37
C ALA B 222 13.06 17.67 -23.65
N THR B 223 13.35 16.86 -22.62
CA THR B 223 14.58 16.97 -21.82
C THR B 223 15.79 16.60 -22.69
N LYS B 224 15.68 15.59 -23.55
CA LYS B 224 16.76 15.20 -24.51
C LYS B 224 17.31 16.43 -25.27
N ARG B 225 16.45 17.37 -25.68
CA ARG B 225 16.87 18.64 -26.35
C ARG B 225 17.99 19.28 -25.52
N ARG B 226 18.97 19.88 -26.20
CA ARG B 226 20.20 20.45 -25.59
C ARG B 226 20.77 19.43 -24.58
N GLY B 227 20.65 18.15 -24.89
CA GLY B 227 21.55 17.10 -24.37
C GLY B 227 21.23 16.73 -22.93
N GLY B 228 19.96 16.79 -22.51
CA GLY B 228 19.54 16.31 -21.20
C GLY B 228 19.47 14.78 -21.17
N ARG B 229 19.54 14.20 -19.96
CA ARG B 229 19.51 12.74 -19.77
C ARG B 229 18.06 12.37 -19.45
N LEU B 230 17.71 11.14 -19.80
CA LEU B 230 16.36 10.56 -19.60
C LEU B 230 16.53 9.22 -18.89
N VAL B 231 15.89 9.04 -17.74
CA VAL B 231 15.79 7.71 -17.06
C VAL B 231 14.31 7.28 -17.07
N ILE B 232 14.06 6.05 -17.44
CA ILE B 232 12.72 5.39 -17.42
C ILE B 232 12.75 4.20 -16.43
N VAL B 233 11.90 4.30 -15.40
CA VAL B 233 11.67 3.23 -14.41
C VAL B 233 10.26 2.73 -14.64
N ASN B 234 10.14 1.45 -14.99
CA ASN B 234 8.86 0.85 -15.39
C ASN B 234 8.98 -0.69 -15.46
N LEU B 235 7.92 -1.41 -15.15
CA LEU B 235 7.95 -2.89 -15.26
C LEU B 235 7.73 -3.31 -16.72
N GLN B 236 6.89 -2.61 -17.46
CA GLN B 236 6.61 -2.90 -18.89
C GLN B 236 7.52 -2.05 -19.77
N PRO B 237 7.71 -2.43 -21.05
CA PRO B 237 8.29 -1.54 -22.06
C PRO B 237 7.46 -0.27 -22.14
N THR B 238 8.07 0.87 -22.44
CA THR B 238 7.39 2.16 -22.67
C THR B 238 7.56 2.58 -24.12
N LYS B 239 6.71 3.51 -24.52
CA LYS B 239 6.72 4.08 -25.89
C LYS B 239 8.12 4.61 -26.20
N HIS B 240 8.86 5.22 -25.25
CA HIS B 240 10.12 5.94 -25.58
C HIS B 240 11.36 5.22 -25.05
N ASP B 241 11.34 3.89 -24.90
CA ASP B 241 12.47 3.13 -24.29
C ASP B 241 13.76 3.38 -25.05
N ARG B 242 13.65 3.48 -26.40
CA ARG B 242 14.71 3.83 -27.38
C ARG B 242 15.51 5.05 -26.93
N HIS B 243 14.86 6.12 -26.47
CA HIS B 243 15.49 7.44 -26.18
C HIS B 243 16.10 7.53 -24.77
N ALA B 244 15.96 6.53 -23.90
CA ALA B 244 16.37 6.60 -22.48
C ALA B 244 17.86 6.31 -22.35
N ASP B 245 18.55 7.09 -21.54
CA ASP B 245 19.97 6.79 -21.18
C ASP B 245 20.02 5.57 -20.27
N LEU B 246 18.93 5.31 -19.55
CA LEU B 246 18.94 4.30 -18.46
C LEU B 246 17.51 3.81 -18.27
N ARG B 247 17.31 2.49 -18.41
CA ARG B 247 15.99 1.86 -18.23
C ARG B 247 16.11 0.93 -17.02
N ILE B 248 15.24 1.13 -16.05
CA ILE B 248 15.24 0.28 -14.83
C ILE B 248 13.89 -0.42 -14.77
N HIS B 249 13.94 -1.74 -14.81
CA HIS B 249 12.82 -2.68 -14.81
C HIS B 249 12.75 -3.24 -13.39
N GLY B 250 11.93 -2.60 -12.58
CA GLY B 250 11.64 -3.11 -11.24
C GLY B 250 10.58 -2.27 -10.59
N TYR B 251 10.20 -2.67 -9.38
CA TYR B 251 9.09 -1.98 -8.69
C TYR B 251 9.63 -0.63 -8.29
N VAL B 252 8.89 0.43 -8.61
CA VAL B 252 9.29 1.83 -8.30
C VAL B 252 9.57 1.98 -6.80
N ASP B 253 8.91 1.26 -5.90
CA ASP B 253 9.17 1.43 -4.43
C ASP B 253 10.57 0.89 -4.07
N GLU B 254 10.98 -0.21 -4.69
CA GLU B 254 12.34 -0.81 -4.48
C GLU B 254 13.39 0.15 -5.03
N VAL B 255 13.21 0.64 -6.25
CA VAL B 255 14.13 1.58 -6.90
C VAL B 255 14.29 2.81 -6.04
N MET B 256 13.18 3.41 -5.63
CA MET B 256 13.22 4.69 -4.91
C MET B 256 13.78 4.47 -3.51
N THR B 257 13.49 3.35 -2.84
CA THR B 257 14.07 3.08 -1.49
C THR B 257 15.60 2.89 -1.56
N ARG B 258 16.10 2.19 -2.58
CA ARG B 258 17.53 2.00 -2.84
C ARG B 258 18.15 3.34 -3.22
N LEU B 259 17.45 4.15 -4.00
CA LEU B 259 17.98 5.46 -4.41
C LEU B 259 18.16 6.35 -3.17
N MET B 260 17.16 6.43 -2.30
CA MET B 260 17.19 7.36 -1.13
C MET B 260 18.29 6.93 -0.16
N LYS B 261 18.49 5.63 0.03
CA LYS B 261 19.62 5.06 0.80
C LYS B 261 20.95 5.54 0.19
N HIS B 262 21.16 5.45 -1.12
CA HIS B 262 22.39 5.95 -1.80
C HIS B 262 22.52 7.47 -1.57
N LEU B 263 21.40 8.18 -1.62
CA LEU B 263 21.43 9.64 -1.41
C LEU B 263 21.55 10.01 0.06
N GLY B 264 21.43 9.06 1.00
CA GLY B 264 21.55 9.39 2.43
C GLY B 264 20.32 10.08 2.96
N LEU B 265 19.15 9.84 2.38
CA LEU B 265 17.91 10.54 2.77
C LEU B 265 16.92 9.55 3.38
N GLU B 266 16.22 9.93 4.44
CA GLU B 266 15.12 9.15 5.03
C GLU B 266 13.88 9.36 4.17
N ILE B 267 13.03 8.37 4.14
CA ILE B 267 11.67 8.58 3.58
C ILE B 267 10.79 9.07 4.73
N PRO B 268 10.22 10.26 4.60
CA PRO B 268 9.46 10.88 5.69
C PRO B 268 8.10 10.23 5.94
N ALA B 269 7.65 10.48 7.16
CA ALA B 269 6.40 9.95 7.76
C ALA B 269 5.27 10.72 7.09
N TRP B 270 4.16 10.07 6.81
CA TRP B 270 2.97 10.75 6.26
C TRP B 270 2.05 11.12 7.41
N ASP B 271 1.80 12.43 7.54
CA ASP B 271 0.96 13.07 8.58
C ASP B 271 -0.54 12.77 8.37
N GLY B 272 -0.92 12.00 7.34
CA GLY B 272 -2.32 11.87 6.88
C GLY B 272 -2.62 12.95 5.84
N PRO B 273 -3.85 13.05 5.28
CA PRO B 273 -4.06 13.94 4.13
C PRO B 273 -3.78 15.40 4.49
N ARG B 274 -2.89 16.06 3.77
CA ARG B 274 -2.55 17.48 4.04
C ARG B 274 -2.19 18.16 2.72
N VAL B 275 -2.51 19.44 2.60
CA VAL B 275 -2.40 20.21 1.34
C VAL B 275 -1.42 21.33 1.59
N LEU B 276 -0.43 21.44 0.73
CA LEU B 276 0.64 22.44 0.85
C LEU B 276 0.57 23.23 -0.43
N GLU B 277 0.10 24.47 -0.38
CA GLU B 277 0.02 25.29 -1.62
C GLU B 277 1.42 25.64 -2.10
N ARG B 278 2.31 26.07 -1.21
CA ARG B 278 3.61 26.62 -1.69
C ARG B 278 4.78 25.85 -1.09
N ALA B 279 5.72 25.45 -1.93
CA ALA B 279 7.02 24.87 -1.50
C ALA B 279 7.63 25.72 -0.35
N LEU B 280 8.11 25.03 0.70
CA LEU B 280 8.84 25.64 1.86
C LEU B 280 10.28 25.87 1.48
N PRO B 281 11.02 26.68 2.29
CA PRO B 281 12.46 26.83 2.11
C PRO B 281 13.18 25.48 2.18
N PRO B 282 14.18 25.27 1.30
CA PRO B 282 14.94 24.02 1.23
C PRO B 282 15.62 23.61 2.55
N LEU B 283 15.47 22.34 2.87
CA LEU B 283 16.20 21.73 4.00
C LEU B 283 17.62 21.39 3.60
N PRO B 284 18.49 21.19 4.60
CA PRO B 284 19.87 20.76 4.39
C PRO B 284 19.88 19.36 3.78
N ARG B 285 20.87 19.09 2.92
CA ARG B 285 21.05 17.72 2.37
C ARG B 285 22.47 17.21 2.58
N PRO B 286 22.67 15.89 2.44
CA PRO B 286 24.01 15.31 2.49
C PRO B 286 24.98 15.91 1.49
N PRO B 287 26.29 15.95 1.84
CA PRO B 287 27.31 16.34 0.90
C PRO B 287 27.37 15.31 -0.23
N THR B 288 27.83 15.75 -1.40
CA THR B 288 27.82 14.92 -2.64
C THR B 288 29.05 14.04 -2.68
N PRO B 289 28.94 12.77 -3.13
CA PRO B 289 30.14 11.99 -3.35
C PRO B 289 31.05 12.56 -4.46
N LYS B 290 32.33 12.19 -4.41
CA LYS B 290 33.25 12.49 -5.54
C LYS B 290 32.92 11.56 -6.71
N LEU B 291 32.44 12.12 -7.81
CA LEU B 291 32.08 11.31 -9.01
C LEU B 291 33.17 11.52 -10.06
N GLU B 292 33.89 10.43 -10.40
CA GLU B 292 35.12 10.42 -11.23
C GLU B 292 34.74 10.32 -12.72
N1 AR6 C . -10.54 -4.87 2.97
C2 AR6 C . -11.42 -5.80 3.40
N3 AR6 C . -11.53 -7.08 3.03
C4 AR6 C . -10.61 -7.41 2.12
C5 AR6 C . -9.69 -6.55 1.55
C6 AR6 C . -9.67 -5.21 2.01
N6 AR6 C . -8.82 -4.28 1.59
N7 AR6 C . -8.95 -7.23 0.58
C8 AR6 C . -9.38 -8.47 0.63
N9 AR6 C . -10.41 -8.64 1.52
PA AR6 C . -8.67 -15.27 1.67
PB AR6 C . -7.24 -15.99 4.13
C1' AR6 C . -11.06 -9.84 1.85
O1A AR6 C . -9.47 -16.52 1.83
O1B AR6 C . -6.11 -15.24 4.75
C1D AR6 C . -4.64 -19.94 1.95
O1D AR6 C . -4.54 -21.25 1.47
C2' AR6 C . -11.55 -10.70 0.68
O2' AR6 C . -12.87 -10.38 0.27
O2A AR6 C . -8.16 -14.73 0.38
O2B AR6 C . -8.51 -16.04 4.86
C2D AR6 C . -3.40 -19.57 2.74
O2D AR6 C . -2.78 -20.71 3.33
C3' AR6 C . -11.39 -12.12 1.21
O3' AR6 C . -12.59 -12.81 1.51
O3A AR6 C . -7.38 -15.32 2.65
C3D AR6 C . -3.96 -18.54 3.72
O3D AR6 C . -3.05 -18.26 4.79
C4' AR6 C . -10.47 -12.00 2.45
O4' AR6 C . -10.09 -10.63 2.49
C4D AR6 C . -5.27 -19.26 4.10
O4D AR6 C . -5.72 -19.88 2.86
C5' AR6 C . -9.21 -12.80 2.43
O5' AR6 C . -9.63 -14.21 2.37
C5D AR6 C . -6.38 -18.39 4.62
O5D AR6 C . -6.66 -17.38 3.61
ZN ZN D . 20.10 -24.52 16.81
S SO4 E . -24.07 10.36 34.13
O1 SO4 E . -24.73 9.19 33.58
O2 SO4 E . -22.74 10.01 34.69
O3 SO4 E . -24.90 10.90 35.18
O4 SO4 E . -23.93 11.32 33.07
S SO4 F . -25.25 -7.44 7.62
O1 SO4 F . -26.59 -7.93 7.80
O2 SO4 F . -24.63 -7.30 8.91
O3 SO4 F . -25.31 -6.15 6.97
O4 SO4 F . -24.49 -8.38 6.82
S SO4 G . -13.18 -23.05 27.64
O1 SO4 G . -13.04 -24.11 26.68
O2 SO4 G . -12.76 -23.49 28.94
O3 SO4 G . -14.55 -22.62 27.69
O4 SO4 G . -12.36 -21.94 27.25
S SO4 H . -11.11 -27.53 14.42
O1 SO4 H . -12.37 -28.20 14.58
O2 SO4 H . -10.32 -27.69 15.60
O3 SO4 H . -11.35 -26.12 14.16
O4 SO4 H . -10.39 -28.12 13.31
S SO4 I . 4.28 6.52 7.61
O1 SO4 I . 5.01 7.29 8.61
O2 SO4 I . 4.56 5.11 7.82
O3 SO4 I . 2.85 6.77 7.78
O4 SO4 I . 4.62 6.92 6.25
C1 QUE J . 5.42 -18.05 -5.88
C2 QUE J . 5.56 -18.10 -4.51
C3 QUE J . 4.60 -17.51 -3.66
C4 QUE J . 3.49 -16.91 -4.25
C5 QUE J . 3.29 -16.86 -5.63
C6 QUE J . 4.28 -17.42 -6.42
C9 QUE J . 4.73 -17.51 -2.22
C10 QUE J . 3.69 -16.86 -1.48
C11 QUE J . 2.60 -16.33 -2.11
C14 QUE J . 1.53 -15.58 -1.44
C15 QUE J . 0.42 -15.18 -2.18
C16 QUE J . -0.54 -14.34 -1.61
C17 QUE J . -0.43 -13.94 -0.30
C18 QUE J . 0.71 -14.28 0.44
C19 QUE J . 1.69 -15.09 -0.13
O12 QUE J . 2.51 -16.34 -3.49
O13 QUE J . 5.70 -18.01 -1.61
O23 QUE J . 0.82 -13.84 1.73
O24 QUE J . -1.44 -13.22 0.27
O27 QUE J . 3.82 -16.88 -0.13
O29 QUE J . 4.15 -17.40 -7.77
O30 QUE J . 6.65 -18.67 -3.95
C1 EDO K . 6.30 -11.43 -6.31
O1 EDO K . 6.73 -12.57 -5.57
C2 EDO K . 7.36 -10.51 -6.78
O2 EDO K . 7.77 -10.70 -8.13
C1 EDO L . -13.40 1.38 -4.50
O1 EDO L . -14.73 0.89 -4.40
C2 EDO L . -13.35 2.81 -4.99
O2 EDO L . -13.36 2.91 -6.40
O1 PG4 M . 0.14 -21.31 0.57
C1 PG4 M . 0.43 -22.57 1.16
C2 PG4 M . -0.73 -23.54 1.07
O2 PG4 M . -1.42 -23.60 2.32
C3 PG4 M . -1.01 -24.69 3.16
C4 PG4 M . -1.13 -24.30 4.61
O3 PG4 M . -2.48 -24.35 5.08
C5 PG4 M . -2.54 -23.98 6.45
C6 PG4 M . -3.70 -24.61 7.17
O4 PG4 M . -3.33 -25.92 7.56
C7 PG4 M . -4.37 -26.65 8.22
C8 PG4 M . -3.76 -27.77 8.99
O5 PG4 M . -3.71 -29.01 8.27
N1 AR6 N . 6.63 -0.23 -10.36
C2 AR6 N . 6.97 -0.01 -11.65
N3 AR6 N . 6.20 0.03 -12.73
C4 AR6 N . 4.92 -0.23 -12.40
C5 AR6 N . 4.43 -0.56 -11.16
C6 AR6 N . 5.33 -0.53 -10.09
N6 AR6 N . 4.96 -0.76 -8.83
N7 AR6 N . 3.04 -0.77 -11.21
C8 AR6 N . 2.71 -0.58 -12.46
N9 AR6 N . 3.85 -0.25 -13.23
PA AR6 N . -0.23 3.11 -17.65
PB AR6 N . -0.16 6.00 -17.27
C1' AR6 N . 3.88 0.15 -14.61
O1A AR6 N . -0.35 3.24 -19.17
O1B AR6 N . -0.21 6.74 -15.98
C1D AR6 N . -5.03 6.77 -19.04
O1D AR6 N . -6.04 6.89 -19.99
C2' AR6 N . 3.20 -0.72 -15.65
O2' AR6 N . 4.10 -1.71 -16.12
O2A AR6 N . -1.07 2.11 -16.99
O2B AR6 N . 1.13 5.94 -18.07
C2D AR6 N . -5.22 7.89 -18.01
O2D AR6 N . -5.59 9.14 -18.57
C3' AR6 N . 2.75 0.31 -16.70
O3' AR6 N . 3.56 0.26 -17.87
O3A AR6 N . -0.59 4.50 -16.93
C3D AR6 N . -3.82 8.06 -17.47
O3D AR6 N . -3.68 9.26 -16.72
C4' AR6 N . 2.85 1.68 -16.00
O4' AR6 N . 3.25 1.40 -14.63
C4D AR6 N . -3.08 8.03 -18.80
O4D AR6 N . -3.76 7.03 -19.60
C5' AR6 N . 1.59 2.48 -15.96
O5' AR6 N . 1.27 2.85 -17.31
C5D AR6 N . -1.61 7.72 -18.72
O5D AR6 N . -1.43 6.42 -18.12
ZN ZN O . -15.35 31.79 -8.25
S SO4 P . -5.01 -6.75 -8.83
O1 SO4 P . -4.79 -7.57 -7.69
O2 SO4 P . -5.50 -7.58 -9.92
O3 SO4 P . -5.98 -5.78 -8.54
O4 SO4 P . -3.81 -6.09 -9.23
S SO4 Q . 17.48 -2.68 -20.66
O1 SO4 Q . 16.97 -3.00 -19.36
O2 SO4 Q . 17.96 -3.86 -21.29
O3 SO4 Q . 18.58 -1.78 -20.53
O4 SO4 Q . 16.42 -2.10 -21.45
S SO4 R . 40.75 13.47 -4.72
O1 SO4 R . 41.09 12.49 -3.73
O2 SO4 R . 39.88 12.84 -5.67
O3 SO4 R . 40.07 14.62 -4.12
O4 SO4 R . 41.95 13.93 -5.38
S SO4 S . 3.03 16.39 -28.54
O1 SO4 S . 1.62 16.06 -28.55
O2 SO4 S . 3.81 15.28 -28.04
O3 SO4 S . 3.27 17.56 -27.72
O4 SO4 S . 3.45 16.67 -29.89
C1 QUE T . -15.23 4.29 -12.43
C2 QUE T . -14.61 5.49 -12.18
C3 QUE T . -13.19 5.58 -12.12
C4 QUE T . -12.47 4.40 -12.34
C5 QUE T . -13.07 3.17 -12.60
C6 QUE T . -14.45 3.14 -12.64
C9 QUE T . -12.45 6.82 -11.85
C10 QUE T . -11.02 6.71 -11.84
C11 QUE T . -10.36 5.53 -12.06
C14 QUE T . -8.92 5.30 -12.01
C15 QUE T . -8.45 4.02 -12.29
C16 QUE T . -7.11 3.69 -12.18
C17 QUE T . -6.20 4.64 -11.77
C18 QUE T . -6.63 5.93 -11.45
C19 QUE T . -7.99 6.24 -11.53
O12 QUE T . -11.10 4.39 -12.31
O13 QUE T . -12.99 7.92 -11.64
O23 QUE T . -5.69 6.84 -11.05
O24 QUE T . -4.89 4.28 -11.76
O27 QUE T . -10.32 7.86 -11.59
O29 QUE T . -15.07 1.97 -12.91
O30 QUE T . -15.37 6.58 -11.94
C1 PGE U . -9.11 10.65 -20.20
O1 PGE U . -8.73 9.48 -20.90
C2 PGE U . -8.28 11.84 -20.57
O2 PGE U . -6.97 11.47 -20.98
C3 PGE U . -6.10 12.58 -21.12
C4 PGE U . -5.50 12.61 -22.50
O4 PGE U . -6.24 15.35 -25.70
C6 PGE U . -5.09 15.36 -24.88
C5 PGE U . -4.81 14.03 -24.27
O3 PGE U . -5.37 13.95 -22.97
#